data_4UZQ
#
_entry.id   4UZQ
#
_cell.length_a   50.513
_cell.length_b   69.350
_cell.length_c   120.967
_cell.angle_alpha   90.00
_cell.angle_beta   92.28
_cell.angle_gamma   90.00
#
_symmetry.space_group_name_H-M   'I 1 2 1'
#
loop_
_entity.id
_entity.type
_entity.pdbx_description
1 polymer 'PROTEIN NOTUM HOMOLOG'
2 polymer 'PROTEIN WNT-7A'
3 non-polymer 2-acetamido-2-deoxy-beta-D-glucopyranose
4 non-polymer 'SODIUM ION'
5 non-polymer 'CHLORIDE ION'
6 non-polymer 'PALMITOLEIC ACID'
7 water water
#
loop_
_entity_poly.entity_id
_entity_poly.type
_entity_poly.pdbx_seq_one_letter_code
_entity_poly.pdbx_strand_id
1 'polypeptide(L)'
;ETGSAQQLNEDLRLHLLLNTSVTCNDGSPAGYYLKESRGSRRWLLFLEGGWYCFNRENCDSRYDTMRRLMSSRDWPRTRT
GTGILSSQPEENPYWWNANMVFIPYCSSDVWSGASSKSEKNEYAFMGALIIQEVVRELLGRGLSGAKVLLLAGSAAGGTG
VLLNVDRVAEQLEKLGYPAIQVRGLADSGWFLDNKQYRHTDCVDTITCAPTEAIRRGIRYWNGVVPERCRRQFQEGEEWN
CFFGYKVYPTLRSPVFVVQWLFDEAQLTVDNVHLTGQPVQEGLRLYIQNLGRELRHTLKDVPASFAPACLSHEIIIRSHW
TDVQVKGTSLPRALHCWDRSLHDSHKASKTPLKGCPVHLVDSCPWPHCNPSCPTGTHHHHHHHHHH
;
A
2 'polypeptide(L)' CHGVSGSC B
#
# COMPACT_ATOMS: atom_id res chain seq x y z
N GLU A 10 3.61 18.59 17.49
CA GLU A 10 3.78 18.77 15.98
C GLU A 10 3.96 17.46 15.23
N ASP A 11 4.67 16.52 15.87
CA ASP A 11 4.88 15.22 15.29
C ASP A 11 3.79 14.26 15.68
N LEU A 12 3.75 13.17 14.95
CA LEU A 12 2.93 12.01 15.35
C LEU A 12 3.65 11.22 16.45
N ARG A 13 2.91 10.86 17.45
CA ARG A 13 3.42 10.21 18.63
C ARG A 13 3.09 8.68 18.61
N LEU A 14 4.04 7.87 19.04
CA LEU A 14 3.83 6.44 19.09
C LEU A 14 2.95 6.00 20.26
N HIS A 15 2.04 5.06 19.93
CA HIS A 15 1.25 4.28 20.86
C HIS A 15 1.42 2.81 20.56
N LEU A 16 1.81 2.04 21.56
CA LEU A 16 1.87 0.57 21.43
C LEU A 16 0.50 -0.02 21.71
N LEU A 17 0.10 -1.02 20.93
CA LEU A 17 -1.23 -1.57 21.08
C LEU A 17 -1.43 -2.16 22.46
N LEU A 18 -2.65 -2.00 22.95
CA LEU A 18 -3.06 -2.51 24.23
C LEU A 18 -3.43 -4.00 24.19
N ASN A 19 -3.76 -4.49 23.01
CA ASN A 19 -4.13 -5.89 22.84
C ASN A 19 -2.87 -6.72 22.66
N THR A 20 -2.55 -7.45 23.72
CA THR A 20 -1.27 -8.19 23.78
C THR A 20 -1.22 -9.37 22.82
N SER A 21 -2.34 -9.77 22.26
CA SER A 21 -2.37 -10.88 21.33
C SER A 21 -1.84 -10.45 19.96
N VAL A 22 -1.76 -9.14 19.69
CA VAL A 22 -1.47 -8.65 18.37
C VAL A 22 -0.07 -7.98 18.32
N THR A 23 0.84 -8.61 17.57
CA THR A 23 2.23 -8.30 17.69
C THR A 23 2.95 -8.19 16.35
N CYS A 24 4.14 -7.56 16.39
CA CYS A 24 5.08 -7.64 15.31
C CYS A 24 5.63 -9.08 15.18
N ASN A 25 6.45 -9.31 14.14
CA ASN A 25 6.98 -10.66 13.87
C ASN A 25 7.61 -11.31 15.08
N ASP A 26 8.44 -10.60 15.83
CA ASP A 26 9.10 -11.11 16.99
C ASP A 26 8.36 -11.19 18.29
N GLY A 27 7.07 -10.83 18.25
CA GLY A 27 6.26 -10.79 19.40
C GLY A 27 6.23 -9.52 20.20
N SER A 28 7.08 -8.55 19.85
CA SER A 28 7.00 -7.26 20.49
C SER A 28 5.67 -6.62 20.08
N PRO A 29 5.16 -5.66 20.89
CA PRO A 29 3.89 -5.06 20.57
C PRO A 29 3.93 -4.30 19.26
N ALA A 30 2.85 -4.42 18.48
CA ALA A 30 2.73 -3.55 17.32
C ALA A 30 2.21 -2.18 17.83
N GLY A 31 1.96 -1.29 16.91
CA GLY A 31 1.60 0.09 17.32
C GLY A 31 1.25 0.98 16.17
N TYR A 32 1.11 2.28 16.51
CA TYR A 32 0.75 3.29 15.55
C TYR A 32 1.19 4.64 16.07
N TYR A 33 1.45 5.51 15.13
CA TYR A 33 1.77 6.91 15.44
C TYR A 33 0.53 7.71 15.10
N LEU A 34 0.28 8.69 15.99
CA LEU A 34 -0.95 9.49 15.92
C LEU A 34 -0.68 10.99 16.12
N LYS A 35 -1.23 11.78 15.22
CA LYS A 35 -1.38 13.24 15.48
C LYS A 35 -2.86 13.58 15.32
N GLU A 36 -3.46 13.92 16.46
CA GLU A 36 -4.87 14.35 16.47
C GLU A 36 -5.07 15.76 15.88
N SER A 37 -6.20 15.94 15.19
CA SER A 37 -6.64 17.20 14.70
C SER A 37 -8.14 17.34 15.00
N ARG A 38 -8.37 17.93 16.14
CA ARG A 38 -9.76 17.99 16.61
C ARG A 38 -10.72 18.81 15.80
N GLY A 39 -10.22 19.74 14.99
CA GLY A 39 -11.10 20.46 14.08
C GLY A 39 -11.43 19.78 12.77
N SER A 40 -10.94 18.54 12.58
CA SER A 40 -11.25 17.82 11.35
C SER A 40 -11.90 16.51 11.62
N ARG A 41 -12.82 16.15 10.74
CA ARG A 41 -13.47 14.83 10.77
C ARG A 41 -12.81 13.88 9.75
N ARG A 42 -11.68 14.27 9.17
CA ARG A 42 -10.95 13.44 8.20
CA ARG A 42 -10.96 13.43 8.20
C ARG A 42 -9.85 12.69 8.91
N TRP A 43 -9.80 11.38 8.69
CA TRP A 43 -8.69 10.56 9.20
C TRP A 43 -7.94 9.88 8.03
N LEU A 44 -6.62 9.98 8.09
CA LEU A 44 -5.71 9.34 7.18
C LEU A 44 -4.97 8.29 7.99
N LEU A 45 -5.19 7.01 7.59
CA LEU A 45 -4.48 5.86 8.20
C LEU A 45 -3.58 5.22 7.14
N PHE A 46 -2.27 5.43 7.32
CA PHE A 46 -1.24 5.07 6.38
C PHE A 46 -0.51 3.79 6.79
N LEU A 47 -0.51 2.84 5.86
CA LEU A 47 0.21 1.60 5.99
C LEU A 47 1.57 1.69 5.32
N GLU A 48 2.59 1.58 6.15
CA GLU A 48 4.01 1.53 5.65
C GLU A 48 4.28 0.30 4.78
N GLY A 49 5.16 0.46 3.81
CA GLY A 49 5.67 -0.67 3.00
C GLY A 49 7.05 -1.12 3.45
N GLY A 50 7.64 -1.97 2.61
CA GLY A 50 8.92 -2.59 2.92
C GLY A 50 9.09 -4.08 2.60
N TRP A 51 8.69 -4.44 1.41
CA TRP A 51 8.82 -5.83 0.91
C TRP A 51 8.17 -6.78 1.92
N TYR A 52 8.76 -7.98 2.14
CA TYR A 52 8.11 -9.11 2.79
C TYR A 52 9.22 -10.16 2.91
N CYS A 53 8.90 -11.20 3.68
CA CYS A 53 9.74 -12.43 3.71
C CYS A 53 8.85 -13.67 3.61
N PHE A 54 9.27 -14.64 2.83
CA PHE A 54 8.37 -15.73 2.51
C PHE A 54 8.84 -17.10 2.95
N ASN A 55 9.90 -17.17 3.75
CA ASN A 55 10.27 -18.36 4.47
C ASN A 55 11.13 -18.01 5.68
N ARG A 56 11.42 -18.99 6.52
CA ARG A 56 12.10 -18.65 7.78
C ARG A 56 13.55 -18.16 7.56
N GLU A 57 14.28 -18.76 6.62
CA GLU A 57 15.63 -18.32 6.29
C GLU A 57 15.68 -16.86 5.87
N ASN A 58 14.79 -16.49 4.97
CA ASN A 58 14.74 -15.13 4.52
C ASN A 58 14.22 -14.21 5.59
N CYS A 59 13.26 -14.63 6.42
CA CYS A 59 12.81 -13.76 7.55
C CYS A 59 13.93 -13.62 8.59
N ASP A 60 14.77 -14.68 8.77
CA ASP A 60 15.92 -14.57 9.70
C ASP A 60 16.92 -13.53 9.20
N SER A 61 17.14 -13.51 7.89
CA SER A 61 18.04 -12.51 7.33
CA SER A 61 18.04 -12.51 7.32
C SER A 61 17.48 -11.09 7.48
N ARG A 62 16.21 -10.98 7.20
CA ARG A 62 15.51 -9.72 7.38
C ARG A 62 15.61 -9.22 8.85
N TYR A 63 15.50 -10.16 9.81
CA TYR A 63 15.56 -9.79 11.20
C TYR A 63 16.92 -9.23 11.57
N ASP A 64 17.96 -9.81 10.94
CA ASP A 64 19.32 -9.42 11.20
C ASP A 64 19.70 -8.11 10.59
N THR A 65 19.09 -7.74 9.46
CA THR A 65 19.49 -6.57 8.67
C THR A 65 18.45 -5.43 8.63
N MET A 66 17.17 -5.74 8.87
CA MET A 66 16.08 -4.76 8.81
C MET A 66 15.12 -5.03 9.96
N ARG A 67 15.69 -5.13 11.16
CA ARG A 67 14.90 -5.38 12.36
C ARG A 67 13.72 -4.46 12.58
N ARG A 68 13.84 -3.19 12.20
CA ARG A 68 12.72 -2.29 12.39
C ARG A 68 11.43 -2.73 11.71
N LEU A 69 11.56 -3.57 10.68
CA LEU A 69 10.41 -4.10 9.92
C LEU A 69 9.87 -5.39 10.53
N MET A 70 10.41 -5.80 11.67
CA MET A 70 10.00 -7.08 12.32
C MET A 70 9.78 -6.96 13.82
N SER A 71 9.94 -5.74 14.36
CA SER A 71 10.04 -5.51 15.79
C SER A 71 9.80 -4.05 16.10
N SER A 72 9.18 -3.80 17.24
CA SER A 72 8.98 -2.43 17.74
C SER A 72 10.04 -1.95 18.74
N ARG A 73 11.02 -2.82 19.06
CA ARG A 73 11.97 -2.59 20.11
C ARG A 73 12.67 -1.22 20.01
N ASP A 74 12.98 -0.78 18.80
CA ASP A 74 13.78 0.43 18.63
C ASP A 74 13.05 1.56 17.91
N TRP A 75 11.73 1.46 17.79
CA TRP A 75 10.94 2.52 17.13
C TRP A 75 11.09 3.80 17.93
N PRO A 76 11.25 4.92 17.24
CA PRO A 76 11.30 6.24 17.94
C PRO A 76 9.95 6.62 18.54
N ARG A 77 9.95 7.48 19.56
CA ARG A 77 8.71 7.90 20.20
C ARG A 77 7.85 8.80 19.34
N THR A 78 8.46 9.46 18.37
CA THR A 78 7.75 10.38 17.46
C THR A 78 8.29 10.29 16.04
N ARG A 79 7.45 10.68 15.10
CA ARG A 79 7.71 10.70 13.66
CA ARG A 79 7.86 10.85 13.73
C ARG A 79 7.11 11.98 13.05
N THR A 80 7.83 12.68 12.21
CA THR A 80 7.24 13.82 11.52
C THR A 80 6.45 13.31 10.32
N GLY A 81 5.23 13.83 10.12
CA GLY A 81 4.46 13.44 8.95
C GLY A 81 4.99 14.17 7.71
N THR A 82 5.05 13.45 6.59
CA THR A 82 5.53 13.97 5.33
C THR A 82 4.50 13.64 4.27
N GLY A 83 4.55 14.40 3.20
CA GLY A 83 3.65 14.26 2.12
C GLY A 83 2.18 14.39 2.58
N ILE A 84 1.36 13.37 2.25
CA ILE A 84 -0.04 13.34 2.62
C ILE A 84 -0.23 13.29 4.11
N LEU A 85 0.83 12.92 4.89
CA LEU A 85 0.73 12.92 6.33
C LEU A 85 1.26 14.25 6.94
N SER A 86 1.66 15.19 6.12
CA SER A 86 2.16 16.46 6.67
C SER A 86 1.00 17.34 7.11
N SER A 87 1.22 18.06 8.23
CA SER A 87 0.25 19.05 8.70
C SER A 87 0.61 20.44 8.20
N GLN A 88 1.54 20.55 7.24
CA GLN A 88 1.88 21.85 6.69
C GLN A 88 1.13 22.14 5.41
N PRO A 89 0.33 23.23 5.36
CA PRO A 89 -0.46 23.50 4.17
C PRO A 89 0.32 23.51 2.86
N GLU A 90 1.50 24.11 2.82
CA GLU A 90 2.27 24.12 1.59
C GLU A 90 2.63 22.70 1.10
N GLU A 91 2.85 21.79 2.05
CA GLU A 91 3.20 20.38 1.70
C GLU A 91 2.01 19.55 1.35
N ASN A 92 0.82 19.87 1.90
CA ASN A 92 -0.33 18.98 1.80
C ASN A 92 -1.58 19.96 1.71
N PRO A 93 -1.80 20.49 0.53
CA PRO A 93 -2.67 21.69 0.52
C PRO A 93 -4.11 21.47 0.88
N TYR A 94 -4.65 20.33 0.54
CA TYR A 94 -6.06 20.06 0.76
C TYR A 94 -6.28 19.41 2.11
N TRP A 95 -5.39 18.49 2.51
CA TRP A 95 -5.60 17.59 3.64
C TRP A 95 -4.66 17.75 4.85
N TRP A 96 -3.92 18.89 4.90
CA TRP A 96 -3.02 19.15 5.99
C TRP A 96 -3.64 19.05 7.39
N ASN A 97 -4.94 19.42 7.51
CA ASN A 97 -5.59 19.43 8.81
C ASN A 97 -6.19 18.12 9.28
N ALA A 98 -5.92 17.03 8.56
CA ALA A 98 -6.49 15.75 8.96
C ALA A 98 -5.88 15.17 10.23
N ASN A 99 -6.62 14.23 10.81
CA ASN A 99 -6.08 13.35 11.85
C ASN A 99 -5.15 12.35 11.14
N MET A 100 -3.94 12.32 11.58
CA MET A 100 -2.82 11.56 10.85
C MET A 100 -2.41 10.36 11.68
N VAL A 101 -2.45 9.20 10.98
CA VAL A 101 -2.00 7.97 11.60
C VAL A 101 -1.04 7.20 10.63
N PHE A 102 0.10 6.87 11.21
CA PHE A 102 1.12 6.04 10.49
C PHE A 102 1.23 4.74 11.23
N ILE A 103 0.95 3.65 10.45
CA ILE A 103 1.02 2.32 11.07
C ILE A 103 2.30 1.62 10.55
N PRO A 104 3.30 1.45 11.45
CA PRO A 104 4.55 0.80 10.97
C PRO A 104 4.29 -0.64 10.55
N TYR A 105 5.02 -1.03 9.52
CA TYR A 105 4.93 -2.38 8.97
C TYR A 105 5.91 -3.29 9.68
N CYS A 106 5.44 -4.17 10.55
CA CYS A 106 6.32 -5.04 11.31
C CYS A 106 5.94 -6.53 11.24
N SER A 107 5.19 -6.85 10.21
CA SER A 107 4.59 -8.18 10.08
C SER A 107 5.14 -8.91 8.84
N SER A 108 5.79 -8.23 7.89
CA SER A 108 6.51 -8.87 6.76
C SER A 108 5.61 -9.74 5.86
N ASP A 109 4.31 -9.48 5.84
CA ASP A 109 3.25 -10.34 5.29
C ASP A 109 2.32 -9.62 4.30
N VAL A 110 2.77 -8.44 3.88
CA VAL A 110 1.96 -7.59 2.98
C VAL A 110 0.59 -7.28 3.65
N TRP A 111 0.61 -7.26 4.97
CA TRP A 111 -0.59 -6.89 5.78
C TRP A 111 -1.71 -7.90 5.62
N SER A 112 -1.31 -9.17 5.37
CA SER A 112 -2.31 -10.20 5.10
C SER A 112 -2.49 -11.24 6.21
N GLY A 113 -1.62 -11.27 7.19
CA GLY A 113 -1.68 -12.28 8.27
C GLY A 113 -2.80 -12.10 9.25
N ALA A 114 -3.50 -13.15 9.61
CA ALA A 114 -4.68 -13.04 10.49
C ALA A 114 -4.77 -14.13 11.54
N SER A 115 -3.63 -14.75 11.86
CA SER A 115 -3.63 -15.82 12.86
CA SER A 115 -3.59 -15.87 12.83
C SER A 115 -2.60 -15.52 13.95
N SER A 116 -2.89 -16.00 15.16
CA SER A 116 -1.90 -16.09 16.20
C SER A 116 -0.74 -16.97 15.73
N LYS A 117 0.43 -16.77 16.29
CA LYS A 117 1.57 -17.57 15.92
C LYS A 117 1.38 -19.00 16.27
N SER A 118 1.78 -19.83 15.36
CA SER A 118 1.86 -21.22 15.66
C SER A 118 3.10 -21.58 16.51
N GLU A 119 2.98 -22.56 17.40
CA GLU A 119 4.20 -23.04 18.10
C GLU A 119 5.30 -23.53 17.16
N LYS A 120 4.95 -23.89 15.93
CA LYS A 120 5.91 -24.34 14.90
C LYS A 120 6.54 -23.21 14.06
N ASN A 121 6.35 -21.99 14.49
CA ASN A 121 6.93 -20.84 13.83
C ASN A 121 7.77 -20.03 14.79
N GLU A 122 8.80 -19.45 14.22
CA GLU A 122 9.61 -18.47 14.92
C GLU A 122 8.91 -17.13 14.99
N TYR A 123 8.29 -16.77 13.89
CA TYR A 123 7.67 -15.44 13.78
C TYR A 123 6.15 -15.48 13.67
N ALA A 124 5.50 -14.39 14.14
CA ALA A 124 4.03 -14.19 14.04
C ALA A 124 3.78 -13.25 12.84
N PHE A 125 2.74 -13.50 12.11
CA PHE A 125 2.35 -12.75 10.89
C PHE A 125 0.94 -12.29 11.10
N MET A 126 0.80 -11.03 11.57
CA MET A 126 -0.48 -10.53 12.06
C MET A 126 -0.89 -9.24 11.39
N GLY A 127 -0.41 -8.92 10.22
CA GLY A 127 -0.67 -7.59 9.68
C GLY A 127 -2.14 -7.19 9.54
N ALA A 128 -3.01 -8.11 9.15
CA ALA A 128 -4.42 -7.76 9.03
C ALA A 128 -4.99 -7.48 10.40
N LEU A 129 -4.52 -8.18 11.43
CA LEU A 129 -5.05 -8.01 12.77
C LEU A 129 -4.52 -6.71 13.40
N ILE A 130 -3.29 -6.32 13.02
CA ILE A 130 -2.73 -5.05 13.46
C ILE A 130 -3.66 -3.94 13.00
N ILE A 131 -4.02 -3.96 11.73
CA ILE A 131 -4.92 -2.92 11.21
C ILE A 131 -6.23 -2.88 12.01
N GLN A 132 -6.84 -4.06 12.22
CA GLN A 132 -8.09 -4.12 12.94
C GLN A 132 -7.90 -3.53 14.37
N GLU A 133 -6.80 -3.86 15.06
CA GLU A 133 -6.65 -3.47 16.41
C GLU A 133 -6.40 -1.92 16.46
N VAL A 134 -5.68 -1.38 15.48
CA VAL A 134 -5.44 0.06 15.43
C VAL A 134 -6.79 0.73 15.31
N VAL A 135 -7.63 0.28 14.38
CA VAL A 135 -8.93 0.88 14.15
C VAL A 135 -9.74 0.84 15.45
N ARG A 136 -9.73 -0.31 16.15
CA ARG A 136 -10.51 -0.40 17.39
C ARG A 136 -9.99 0.61 18.44
N GLU A 137 -8.67 0.75 18.58
CA GLU A 137 -8.10 1.66 19.61
C GLU A 137 -8.38 3.14 19.23
N LEU A 138 -8.41 3.44 17.95
CA LEU A 138 -8.65 4.80 17.51
C LEU A 138 -10.07 5.25 17.73
N LEU A 139 -11.02 4.32 17.77
CA LEU A 139 -12.40 4.68 18.04
C LEU A 139 -12.49 5.43 19.36
N GLY A 140 -11.67 5.07 20.35
CA GLY A 140 -11.65 5.75 21.64
C GLY A 140 -10.81 7.00 21.65
N ARG A 141 -10.32 7.41 20.48
CA ARG A 141 -9.46 8.58 20.35
C ARG A 141 -9.97 9.58 19.32
N GLY A 142 -11.23 9.45 18.92
CA GLY A 142 -11.75 10.43 18.03
C GLY A 142 -12.31 9.90 16.77
N LEU A 143 -11.86 8.70 16.37
CA LEU A 143 -12.31 8.17 15.09
C LEU A 143 -13.82 7.90 15.06
N SER A 144 -14.40 7.69 16.23
CA SER A 144 -15.87 7.58 16.36
C SER A 144 -16.67 8.71 15.72
N GLY A 145 -16.07 9.88 15.74
CA GLY A 145 -16.67 11.08 15.14
C GLY A 145 -16.33 11.33 13.68
N ALA A 146 -15.58 10.42 13.03
CA ALA A 146 -15.10 10.71 11.70
C ALA A 146 -16.19 10.77 10.64
N LYS A 147 -15.93 11.54 9.60
CA LYS A 147 -16.74 11.50 8.38
C LYS A 147 -16.12 10.58 7.31
N VAL A 148 -14.81 10.75 7.13
CA VAL A 148 -14.02 9.95 6.18
C VAL A 148 -12.83 9.31 6.83
N LEU A 149 -12.70 8.00 6.62
CA LEU A 149 -11.48 7.27 6.98
CA LEU A 149 -11.49 7.28 6.98
C LEU A 149 -10.85 6.81 5.67
N LEU A 150 -9.72 7.35 5.35
CA LEU A 150 -8.93 6.99 4.18
C LEU A 150 -7.80 6.07 4.64
N LEU A 151 -7.93 4.81 4.22
CA LEU A 151 -6.88 3.80 4.43
C LEU A 151 -5.93 3.92 3.24
N ALA A 152 -4.74 4.43 3.49
CA ALA A 152 -3.76 4.74 2.49
C ALA A 152 -2.54 3.86 2.77
N GLY A 153 -1.74 3.72 1.73
CA GLY A 153 -0.53 2.93 1.91
C GLY A 153 0.34 2.97 0.73
N SER A 154 1.66 2.75 0.98
CA SER A 154 2.66 2.76 -0.12
C SER A 154 3.38 1.41 -0.23
N ALA A 155 3.54 1.00 -1.48
CA ALA A 155 4.31 -0.24 -1.84
C ALA A 155 3.59 -1.44 -1.19
N ALA A 156 4.25 -2.21 -0.31
CA ALA A 156 3.54 -3.33 0.35
C ALA A 156 2.32 -2.81 1.08
N GLY A 157 2.44 -1.55 1.59
CA GLY A 157 1.26 -0.97 2.22
C GLY A 157 0.12 -0.66 1.31
N GLY A 158 0.45 -0.29 0.10
CA GLY A 158 -0.53 -0.09 -0.98
C GLY A 158 -1.31 -1.37 -1.31
N THR A 159 -0.56 -2.47 -1.44
CA THR A 159 -1.22 -3.72 -1.64
C THR A 159 -2.07 -4.05 -0.37
N GLY A 160 -1.55 -3.75 0.83
CA GLY A 160 -2.26 -3.89 2.07
C GLY A 160 -3.60 -3.18 2.09
N VAL A 161 -3.66 -1.97 1.47
CA VAL A 161 -4.94 -1.27 1.38
C VAL A 161 -5.96 -2.13 0.60
N LEU A 162 -5.52 -2.66 -0.56
CA LEU A 162 -6.42 -3.42 -1.39
C LEU A 162 -6.93 -4.66 -0.61
N LEU A 163 -6.03 -5.26 0.17
CA LEU A 163 -6.37 -6.46 0.94
C LEU A 163 -7.25 -6.23 2.16
N ASN A 164 -7.26 -4.99 2.67
CA ASN A 164 -7.93 -4.68 3.94
C ASN A 164 -9.05 -3.64 3.96
N VAL A 165 -9.21 -2.89 2.87
CA VAL A 165 -10.15 -1.75 2.93
C VAL A 165 -11.55 -2.24 3.20
N ASP A 166 -11.98 -3.33 2.54
CA ASP A 166 -13.38 -3.79 2.74
C ASP A 166 -13.54 -4.42 4.16
N ARG A 167 -12.46 -5.03 4.69
CA ARG A 167 -12.47 -5.56 6.06
CA ARG A 167 -12.54 -5.55 6.04
C ARG A 167 -12.71 -4.41 7.06
N VAL A 168 -11.98 -3.30 6.85
CA VAL A 168 -12.12 -2.10 7.70
C VAL A 168 -13.54 -1.52 7.61
N ALA A 169 -14.04 -1.41 6.39
CA ALA A 169 -15.38 -0.96 6.15
C ALA A 169 -16.41 -1.75 6.93
N GLU A 170 -16.28 -3.08 6.82
CA GLU A 170 -17.17 -3.96 7.54
C GLU A 170 -17.03 -3.83 9.07
N GLN A 171 -15.79 -3.76 9.52
CA GLN A 171 -15.47 -3.67 10.90
C GLN A 171 -16.20 -2.43 11.56
N LEU A 172 -16.10 -1.27 10.90
CA LEU A 172 -16.72 -0.06 11.45
C LEU A 172 -18.23 -0.16 11.52
N GLU A 173 -18.81 -0.75 10.46
CA GLU A 173 -20.25 -1.01 10.46
C GLU A 173 -20.66 -1.93 11.62
N LYS A 174 -19.91 -3.03 11.77
CA LYS A 174 -20.21 -3.99 12.83
C LYS A 174 -20.08 -3.37 14.23
N LEU A 175 -19.12 -2.46 14.39
CA LEU A 175 -18.90 -1.84 15.67
C LEU A 175 -19.90 -0.71 15.97
N GLY A 176 -20.70 -0.34 15.00
CA GLY A 176 -21.76 0.59 15.24
C GLY A 176 -21.51 1.99 14.73
N TYR A 177 -20.66 2.12 13.74
CA TYR A 177 -20.32 3.41 13.17
C TYR A 177 -20.55 3.44 11.66
N PRO A 178 -21.82 3.25 11.23
CA PRO A 178 -22.02 3.15 9.79
C PRO A 178 -21.90 4.46 9.01
N ALA A 179 -21.82 5.59 9.68
CA ALA A 179 -21.73 6.84 8.93
C ALA A 179 -20.32 7.22 8.50
N ILE A 180 -19.33 6.52 9.02
CA ILE A 180 -17.94 6.83 8.65
C ILE A 180 -17.77 6.26 7.24
N GLN A 181 -17.32 7.07 6.33
CA GLN A 181 -17.06 6.66 4.97
C GLN A 181 -15.66 6.12 4.81
N VAL A 182 -15.54 4.82 4.58
CA VAL A 182 -14.22 4.19 4.47
C VAL A 182 -13.84 4.13 2.99
N ARG A 183 -12.65 4.61 2.68
CA ARG A 183 -12.13 4.63 1.35
C ARG A 183 -10.65 4.22 1.38
N GLY A 184 -10.13 3.90 0.21
CA GLY A 184 -8.70 3.53 0.14
C GLY A 184 -7.90 4.37 -0.83
N LEU A 185 -6.60 4.40 -0.57
CA LEU A 185 -5.63 5.04 -1.45
C LEU A 185 -4.42 4.12 -1.53
N ALA A 186 -4.32 3.45 -2.65
CA ALA A 186 -3.25 2.45 -2.86
C ALA A 186 -2.17 3.04 -3.73
N ASP A 187 -1.00 3.28 -3.15
CA ASP A 187 0.12 3.87 -3.89
C ASP A 187 1.22 2.82 -4.09
N SER A 188 1.60 2.63 -5.36
CA SER A 188 2.71 1.73 -5.69
C SER A 188 2.46 0.32 -5.17
N GLY A 189 1.19 -0.13 -5.15
CA GLY A 189 0.87 -1.46 -4.68
C GLY A 189 0.14 -2.32 -5.76
N TRP A 190 0.17 -1.84 -7.01
CA TRP A 190 -0.56 -2.39 -8.13
C TRP A 190 0.44 -3.07 -9.10
N PHE A 191 0.56 -4.37 -8.90
CA PHE A 191 1.56 -5.15 -9.60
C PHE A 191 0.96 -6.07 -10.64
N LEU A 192 1.80 -6.43 -11.58
CA LEU A 192 1.50 -7.46 -12.57
C LEU A 192 2.15 -8.78 -12.19
N ASP A 193 1.37 -9.84 -12.30
CA ASP A 193 1.84 -11.20 -12.10
C ASP A 193 2.37 -11.73 -13.45
N ASN A 194 3.46 -11.07 -13.89
CA ASN A 194 4.00 -11.29 -15.21
C ASN A 194 5.26 -12.18 -15.19
N LYS A 195 5.77 -12.48 -16.38
CA LYS A 195 7.01 -13.22 -16.52
C LYS A 195 8.20 -12.31 -16.43
N GLN A 196 9.24 -12.77 -15.74
CA GLN A 196 10.50 -12.04 -15.68
C GLN A 196 11.10 -11.88 -17.09
N TYR A 197 11.79 -10.78 -17.31
CA TYR A 197 12.48 -10.55 -18.56
C TYR A 197 13.47 -11.72 -18.87
N ARG A 198 14.28 -12.05 -17.87
CA ARG A 198 15.12 -13.24 -17.85
C ARG A 198 14.96 -13.85 -16.48
N HIS A 199 14.95 -15.18 -16.44
CA HIS A 199 14.64 -15.91 -15.24
C HIS A 199 15.77 -15.96 -14.24
N THR A 200 15.39 -15.86 -12.97
CA THR A 200 16.21 -16.28 -11.86
C THR A 200 15.39 -17.17 -10.93
N ASP A 201 16.04 -18.21 -10.43
CA ASP A 201 15.43 -19.09 -9.44
C ASP A 201 15.00 -18.27 -8.21
N CYS A 202 13.83 -18.61 -7.68
CA CYS A 202 13.27 -17.93 -6.54
C CYS A 202 13.98 -18.35 -5.27
N VAL A 203 14.93 -17.54 -4.81
CA VAL A 203 15.56 -17.75 -3.47
C VAL A 203 15.37 -16.62 -2.45
N ASP A 204 14.97 -15.45 -2.90
CA ASP A 204 14.79 -14.32 -2.00
C ASP A 204 13.90 -13.37 -2.72
N THR A 205 13.63 -12.23 -2.08
CA THR A 205 12.66 -11.30 -2.66
C THR A 205 13.15 -10.60 -3.90
N ILE A 206 14.46 -10.50 -4.09
CA ILE A 206 15.01 -9.88 -5.28
C ILE A 206 14.87 -10.80 -6.51
N THR A 207 15.03 -12.11 -6.31
CA THR A 207 15.11 -13.07 -7.41
C THR A 207 13.78 -13.75 -7.75
N CYS A 208 12.82 -13.67 -6.84
CA CYS A 208 11.55 -14.47 -6.94
C CYS A 208 10.52 -13.73 -7.79
N ALA A 209 10.10 -14.37 -8.88
CA ALA A 209 9.05 -13.84 -9.78
C ALA A 209 7.77 -13.54 -8.98
N PRO A 210 6.94 -12.58 -9.44
CA PRO A 210 5.85 -12.13 -8.56
C PRO A 210 4.86 -13.24 -8.18
N THR A 211 4.51 -14.10 -9.13
CA THR A 211 3.52 -15.18 -8.85
C THR A 211 4.08 -16.11 -7.79
N GLU A 212 5.34 -16.49 -7.98
CA GLU A 212 5.95 -17.45 -7.08
C GLU A 212 6.14 -16.89 -5.68
N ALA A 213 6.51 -15.61 -5.60
CA ALA A 213 6.69 -14.97 -4.30
C ALA A 213 5.42 -15.00 -3.44
N ILE A 214 4.31 -14.67 -4.06
CA ILE A 214 3.05 -14.67 -3.33
C ILE A 214 2.48 -16.04 -3.11
N ARG A 215 2.63 -16.95 -4.08
CA ARG A 215 2.22 -18.30 -3.78
C ARG A 215 2.92 -18.87 -2.52
N ARG A 216 4.22 -18.61 -2.40
CA ARG A 216 4.97 -19.07 -1.25
C ARG A 216 4.56 -18.32 -0.01
N GLY A 217 4.50 -16.99 -0.17
CA GLY A 217 4.22 -16.13 0.98
C GLY A 217 2.89 -16.41 1.64
N ILE A 218 1.86 -16.48 0.83
CA ILE A 218 0.52 -16.68 1.39
C ILE A 218 0.42 -17.88 2.30
N ARG A 219 1.08 -18.96 1.89
CA ARG A 219 1.08 -20.17 2.61
C ARG A 219 1.88 -20.01 3.91
N TYR A 220 3.06 -19.41 3.79
CA TYR A 220 3.92 -19.21 4.98
C TYR A 220 3.27 -18.31 6.05
N TRP A 221 2.62 -17.23 5.57
CA TRP A 221 2.01 -16.27 6.46
C TRP A 221 0.67 -16.72 7.00
N ASN A 222 0.08 -17.76 6.43
CA ASN A 222 -1.37 -17.97 6.59
C ASN A 222 -2.13 -16.69 6.27
N GLY A 223 -1.85 -16.17 5.09
CA GLY A 223 -2.41 -14.85 4.70
C GLY A 223 -3.87 -15.02 4.30
N VAL A 224 -4.66 -13.97 4.55
CA VAL A 224 -6.07 -13.92 4.15
C VAL A 224 -6.24 -12.85 3.08
N VAL A 225 -7.21 -13.09 2.23
CA VAL A 225 -7.52 -12.18 1.17
C VAL A 225 -8.99 -11.74 1.28
N PRO A 226 -9.37 -10.67 0.57
CA PRO A 226 -10.77 -10.25 0.71
C PRO A 226 -11.77 -11.32 0.24
N GLU A 227 -12.87 -11.46 0.98
CA GLU A 227 -13.86 -12.49 0.66
C GLU A 227 -14.40 -12.38 -0.76
N ARG A 228 -14.60 -11.15 -1.24
CA ARG A 228 -15.25 -10.98 -2.56
C ARG A 228 -14.31 -11.46 -3.69
N CYS A 229 -12.98 -11.35 -3.46
CA CYS A 229 -12.00 -11.84 -4.41
C CYS A 229 -11.75 -13.36 -4.22
N ARG A 230 -11.74 -13.80 -2.97
CA ARG A 230 -11.48 -15.22 -2.64
CA ARG A 230 -11.54 -15.22 -2.60
CA ARG A 230 -11.47 -15.23 -2.68
C ARG A 230 -12.47 -16.09 -3.44
N ARG A 231 -13.70 -15.66 -3.51
CA ARG A 231 -14.72 -16.42 -4.22
C ARG A 231 -14.45 -16.67 -5.70
N GLN A 232 -13.75 -15.75 -6.30
CA GLN A 232 -13.55 -15.75 -7.71
C GLN A 232 -12.50 -16.79 -8.10
N PHE A 233 -11.74 -17.32 -7.15
CA PHE A 233 -10.61 -18.18 -7.48
C PHE A 233 -10.75 -19.53 -6.80
N GLN A 234 -10.16 -20.56 -7.35
CA GLN A 234 -10.32 -21.85 -6.67
C GLN A 234 -9.49 -21.97 -5.40
N GLU A 235 -9.86 -22.98 -4.62
CA GLU A 235 -9.15 -23.29 -3.39
C GLU A 235 -7.68 -23.38 -3.70
N GLY A 236 -6.88 -22.73 -2.87
CA GLY A 236 -5.42 -22.72 -3.10
C GLY A 236 -4.92 -21.70 -4.11
N GLU A 237 -5.81 -20.91 -4.70
CA GLU A 237 -5.42 -19.94 -5.72
C GLU A 237 -5.70 -18.47 -5.25
N GLU A 238 -5.76 -18.33 -3.93
CA GLU A 238 -6.01 -17.03 -3.28
C GLU A 238 -4.88 -16.05 -3.56
N TRP A 239 -3.68 -16.54 -3.91
CA TRP A 239 -2.55 -15.65 -4.26
C TRP A 239 -2.95 -14.63 -5.33
N ASN A 240 -3.90 -14.98 -6.18
CA ASN A 240 -4.36 -14.07 -7.24
C ASN A 240 -4.81 -12.70 -6.69
N CYS A 241 -5.39 -12.74 -5.52
CA CYS A 241 -5.97 -11.57 -4.88
C CYS A 241 -4.96 -10.55 -4.38
N PHE A 242 -3.65 -10.87 -4.45
CA PHE A 242 -2.64 -9.83 -4.11
C PHE A 242 -2.35 -8.93 -5.31
N PHE A 243 -2.90 -9.23 -6.48
CA PHE A 243 -2.66 -8.45 -7.70
C PHE A 243 -3.84 -7.52 -8.00
N GLY A 244 -3.54 -6.20 -7.90
CA GLY A 244 -4.59 -5.19 -7.92
C GLY A 244 -5.63 -5.44 -9.00
N TYR A 245 -5.25 -5.71 -10.23
CA TYR A 245 -6.23 -5.84 -11.31
C TYR A 245 -7.20 -7.01 -11.15
N LYS A 246 -6.84 -7.92 -10.27
CA LYS A 246 -7.68 -9.05 -9.94
C LYS A 246 -8.60 -8.81 -8.72
N VAL A 247 -8.09 -8.05 -7.74
CA VAL A 247 -8.80 -7.79 -6.49
C VAL A 247 -9.72 -6.56 -6.62
N TYR A 248 -9.31 -5.61 -7.44
CA TYR A 248 -10.01 -4.32 -7.53
C TYR A 248 -11.46 -4.44 -7.99
N PRO A 249 -11.74 -5.23 -9.04
CA PRO A 249 -13.09 -5.18 -9.54
C PRO A 249 -14.20 -5.61 -8.55
N THR A 250 -13.85 -6.40 -7.53
CA THR A 250 -14.87 -6.82 -6.58
C THR A 250 -14.90 -5.99 -5.29
N LEU A 251 -14.07 -4.95 -5.20
CA LEU A 251 -14.10 -4.13 -4.00
C LEU A 251 -15.42 -3.39 -3.89
N ARG A 252 -15.91 -3.29 -2.66
CA ARG A 252 -17.07 -2.45 -2.35
C ARG A 252 -16.66 -0.99 -2.11
N SER A 253 -15.56 -0.79 -1.38
CA SER A 253 -15.14 0.55 -1.02
C SER A 253 -14.51 1.26 -2.21
N PRO A 254 -14.69 2.61 -2.32
CA PRO A 254 -13.94 3.40 -3.33
C PRO A 254 -12.46 3.33 -3.01
N VAL A 255 -11.66 3.06 -4.03
CA VAL A 255 -10.19 3.08 -3.92
C VAL A 255 -9.58 3.88 -5.07
N PHE A 256 -8.74 4.86 -4.69
CA PHE A 256 -7.98 5.62 -5.68
C PHE A 256 -6.61 4.89 -5.81
N VAL A 257 -6.20 4.67 -7.06
CA VAL A 257 -4.98 3.92 -7.36
C VAL A 257 -3.93 4.86 -7.89
N VAL A 258 -2.83 4.96 -7.18
CA VAL A 258 -1.67 5.71 -7.67
C VAL A 258 -0.59 4.68 -8.03
N GLN A 259 -0.17 4.76 -9.26
CA GLN A 259 0.80 3.76 -9.74
C GLN A 259 1.72 4.31 -10.81
N TRP A 260 3.04 4.37 -10.53
CA TRP A 260 3.98 4.66 -11.62
C TRP A 260 3.88 3.55 -12.68
N LEU A 261 3.90 3.91 -13.96
CA LEU A 261 3.79 2.91 -15.01
C LEU A 261 4.98 1.99 -14.98
N PHE A 262 6.13 2.51 -14.58
CA PHE A 262 7.39 1.75 -14.53
C PHE A 262 7.91 1.70 -13.09
N ASP A 263 7.26 0.89 -12.28
CA ASP A 263 7.55 0.87 -10.90
C ASP A 263 8.85 0.10 -10.68
N GLU A 264 9.74 0.71 -9.89
CA GLU A 264 11.05 0.11 -9.64
C GLU A 264 10.97 -1.27 -8.99
N ALA A 265 10.00 -1.51 -8.12
CA ALA A 265 9.87 -2.82 -7.46
C ALA A 265 9.38 -3.84 -8.45
N GLN A 266 8.48 -3.47 -9.34
CA GLN A 266 8.00 -4.38 -10.39
C GLN A 266 9.23 -4.77 -11.25
N LEU A 267 10.03 -3.79 -11.65
CA LEU A 267 11.20 -4.08 -12.48
C LEU A 267 12.15 -4.97 -11.77
N THR A 268 12.38 -4.73 -10.49
CA THR A 268 13.28 -5.60 -9.75
C THR A 268 12.85 -7.08 -9.77
N VAL A 269 11.62 -7.36 -9.46
CA VAL A 269 11.15 -8.76 -9.46
C VAL A 269 11.02 -9.28 -10.86
N ASP A 270 11.01 -8.39 -11.85
CA ASP A 270 11.09 -8.80 -13.26
C ASP A 270 12.50 -8.94 -13.82
N ASN A 271 13.49 -8.67 -12.99
CA ASN A 271 14.91 -8.75 -13.35
C ASN A 271 15.29 -7.79 -14.47
N VAL A 272 14.86 -6.53 -14.32
CA VAL A 272 15.21 -5.42 -15.18
C VAL A 272 15.80 -4.34 -14.33
N HIS A 273 16.94 -3.80 -14.73
CA HIS A 273 17.56 -2.66 -13.99
C HIS A 273 17.87 -1.54 -15.02
N LEU A 274 17.06 -0.51 -14.99
CA LEU A 274 17.23 0.68 -15.84
C LEU A 274 17.92 1.75 -15.02
N THR A 275 19.09 2.07 -15.49
CA THR A 275 20.01 2.98 -14.83
C THR A 275 20.51 4.08 -15.74
N GLY A 276 19.85 4.34 -16.86
CA GLY A 276 20.33 5.35 -17.76
C GLY A 276 21.36 4.80 -18.72
N GLN A 277 21.40 3.48 -18.87
CA GLN A 277 22.28 2.84 -19.85
C GLN A 277 21.52 2.59 -21.16
N PRO A 278 22.22 2.40 -22.30
CA PRO A 278 21.52 1.99 -23.56
C PRO A 278 21.01 0.58 -23.38
N VAL A 279 19.83 0.29 -23.90
CA VAL A 279 19.35 -1.07 -23.79
C VAL A 279 19.09 -1.69 -25.14
N GLN A 280 19.18 -3.02 -25.14
CA GLN A 280 18.96 -3.79 -26.35
C GLN A 280 17.47 -3.79 -26.71
N GLU A 281 17.15 -4.01 -27.99
CA GLU A 281 15.78 -3.98 -28.47
C GLU A 281 14.87 -4.89 -27.64
N GLY A 282 15.31 -6.07 -27.26
CA GLY A 282 14.43 -6.97 -26.54
C GLY A 282 13.99 -6.44 -25.22
N LEU A 283 14.92 -5.84 -24.49
CA LEU A 283 14.61 -5.19 -23.22
C LEU A 283 13.72 -3.96 -23.44
N ARG A 284 14.03 -3.15 -24.45
CA ARG A 284 13.14 -2.05 -24.87
CA ARG A 284 13.12 -2.04 -24.79
C ARG A 284 11.71 -2.53 -25.03
N LEU A 285 11.54 -3.63 -25.78
CA LEU A 285 10.17 -4.12 -26.03
C LEU A 285 9.48 -4.60 -24.75
N TYR A 286 10.23 -5.30 -23.91
CA TYR A 286 9.72 -5.81 -22.65
C TYR A 286 9.20 -4.67 -21.80
N ILE A 287 10.03 -3.61 -21.68
CA ILE A 287 9.65 -2.46 -20.85
CA ILE A 287 9.64 -2.46 -20.86
C ILE A 287 8.45 -1.71 -21.45
N GLN A 288 8.45 -1.51 -22.75
CA GLN A 288 7.30 -0.84 -23.36
C GLN A 288 5.99 -1.63 -23.16
N ASN A 289 6.08 -2.94 -23.31
CA ASN A 289 4.91 -3.79 -23.13
C ASN A 289 4.41 -3.75 -21.66
N LEU A 290 5.33 -3.67 -20.71
CA LEU A 290 4.96 -3.62 -19.29
C LEU A 290 4.14 -2.32 -19.04
N GLY A 291 4.57 -1.20 -19.60
CA GLY A 291 3.80 0.04 -19.46
C GLY A 291 2.43 -0.08 -20.10
N ARG A 292 2.38 -0.63 -21.31
CA ARG A 292 1.09 -0.90 -21.95
C ARG A 292 0.18 -1.78 -21.13
N GLU A 293 0.72 -2.84 -20.56
CA GLU A 293 -0.07 -3.74 -19.72
C GLU A 293 -0.61 -3.05 -18.49
N LEU A 294 0.24 -2.25 -17.83
CA LEU A 294 -0.19 -1.50 -16.66
C LEU A 294 -1.35 -0.54 -17.08
N ARG A 295 -1.20 0.20 -18.17
CA ARG A 295 -2.26 1.02 -18.69
C ARG A 295 -3.56 0.24 -18.89
N HIS A 296 -3.47 -0.94 -19.51
CA HIS A 296 -4.63 -1.77 -19.79
C HIS A 296 -5.37 -2.08 -18.48
N THR A 297 -4.63 -2.42 -17.42
CA THR A 297 -5.26 -2.76 -16.16
C THR A 297 -5.96 -1.58 -15.44
N LEU A 298 -5.61 -0.34 -15.81
CA LEU A 298 -6.19 0.82 -15.20
C LEU A 298 -7.33 1.39 -16.02
N LYS A 299 -7.65 0.82 -17.18
CA LYS A 299 -8.62 1.47 -18.03
C LYS A 299 -10.01 1.62 -17.37
N ASP A 300 -10.38 0.69 -16.51
CA ASP A 300 -11.70 0.79 -15.89
C ASP A 300 -11.62 1.12 -14.39
N VAL A 301 -10.47 1.62 -13.95
CA VAL A 301 -10.32 2.12 -12.59
C VAL A 301 -10.68 3.62 -12.63
N PRO A 302 -11.83 4.00 -12.05
CA PRO A 302 -12.25 5.37 -12.28
C PRO A 302 -11.30 6.45 -11.73
N ALA A 303 -10.75 6.20 -10.55
CA ALA A 303 -9.93 7.16 -9.90
C ALA A 303 -8.48 6.65 -9.87
N SER A 304 -7.64 7.20 -10.70
CA SER A 304 -6.24 6.73 -10.79
C SER A 304 -5.33 7.84 -11.20
N PHE A 305 -4.07 7.67 -10.84
CA PHE A 305 -2.99 8.64 -11.16
C PHE A 305 -1.78 7.77 -11.48
N ALA A 306 -1.47 7.73 -12.78
CA ALA A 306 -0.40 6.81 -13.26
C ALA A 306 0.54 7.45 -14.23
N PRO A 307 1.59 8.10 -13.68
CA PRO A 307 2.50 8.79 -14.53
C PRO A 307 3.55 7.83 -15.16
N ALA A 308 4.00 8.21 -16.36
CA ALA A 308 5.04 7.46 -17.07
C ALA A 308 6.43 7.83 -16.56
N CYS A 309 6.72 7.30 -15.37
CA CYS A 309 8.00 7.49 -14.69
C CYS A 309 8.52 6.21 -14.07
N LEU A 310 9.82 6.14 -13.92
CA LEU A 310 10.50 5.10 -13.21
C LEU A 310 10.74 5.55 -11.80
N SER A 311 9.89 5.06 -10.88
CA SER A 311 10.00 5.48 -9.51
C SER A 311 9.30 4.44 -8.63
N HIS A 312 9.18 4.72 -7.34
CA HIS A 312 8.57 3.81 -6.40
C HIS A 312 8.12 4.66 -5.21
N GLU A 313 6.81 4.57 -4.94
CA GLU A 313 6.16 5.35 -3.91
C GLU A 313 6.08 6.84 -4.23
N ILE A 314 5.09 7.48 -3.63
CA ILE A 314 4.97 8.90 -3.73
C ILE A 314 4.26 9.59 -2.56
N ILE A 315 3.17 9.01 -2.05
CA ILE A 315 2.25 9.80 -1.22
C ILE A 315 2.84 10.32 0.09
N ILE A 316 3.89 9.71 0.66
CA ILE A 316 4.52 10.30 1.86
C ILE A 316 5.85 10.95 1.56
N ARG A 317 6.12 11.17 0.27
CA ARG A 317 7.29 11.95 -0.14
C ARG A 317 6.99 13.44 -0.19
N SER A 318 7.95 14.24 0.28
CA SER A 318 7.72 15.67 0.43
C SER A 318 7.41 16.31 -0.91
N HIS A 319 7.98 15.76 -1.98
CA HIS A 319 7.75 16.35 -3.29
C HIS A 319 6.60 15.68 -4.09
N TRP A 320 5.67 15.08 -3.34
CA TRP A 320 4.50 14.51 -3.98
C TRP A 320 3.59 15.49 -4.71
N THR A 321 3.72 16.78 -4.41
CA THR A 321 2.97 17.82 -5.10
C THR A 321 3.49 18.15 -6.50
N ASP A 322 4.69 17.69 -6.82
CA ASP A 322 5.35 18.19 -8.01
C ASP A 322 5.02 17.48 -9.31
N VAL A 323 4.66 16.22 -9.27
CA VAL A 323 4.38 15.50 -10.52
C VAL A 323 3.00 15.77 -11.03
N GLN A 324 2.87 15.84 -12.34
CA GLN A 324 1.55 16.16 -12.97
C GLN A 324 1.29 15.17 -14.06
N VAL A 325 0.04 14.80 -14.24
CA VAL A 325 -0.38 14.05 -15.42
C VAL A 325 -1.49 14.84 -16.07
N LYS A 326 -1.39 15.02 -17.38
CA LYS A 326 -2.37 15.73 -18.18
C LYS A 326 -2.69 17.04 -17.52
N GLY A 327 -1.68 17.67 -16.94
CA GLY A 327 -1.85 19.00 -16.31
C GLY A 327 -2.33 19.12 -14.86
N THR A 328 -2.55 17.98 -14.22
CA THR A 328 -3.09 17.91 -12.87
C THR A 328 -2.16 17.19 -11.91
N SER A 329 -2.00 17.74 -10.72
CA SER A 329 -1.25 17.17 -9.61
C SER A 329 -2.02 16.09 -8.89
N LEU A 330 -1.27 15.27 -8.15
CA LEU A 330 -1.91 14.23 -7.36
C LEU A 330 -2.84 14.75 -6.22
N PRO A 331 -2.34 15.73 -5.40
CA PRO A 331 -3.23 16.25 -4.35
C PRO A 331 -4.55 16.78 -4.95
N ARG A 332 -4.50 17.43 -6.10
CA ARG A 332 -5.74 17.92 -6.71
CA ARG A 332 -5.72 17.93 -6.74
C ARG A 332 -6.64 16.79 -7.18
N ALA A 333 -6.06 15.80 -7.87
CA ALA A 333 -6.84 14.63 -8.31
C ALA A 333 -7.54 13.99 -7.10
N LEU A 334 -6.86 13.94 -5.97
CA LEU A 334 -7.42 13.33 -4.77
C LEU A 334 -8.58 14.15 -4.23
N HIS A 335 -8.43 15.46 -4.22
CA HIS A 335 -9.47 16.34 -3.87
C HIS A 335 -10.66 16.16 -4.81
N CYS A 336 -10.42 16.11 -6.12
CA CYS A 336 -11.51 15.91 -7.08
C CYS A 336 -12.27 14.59 -6.84
N TRP A 337 -11.53 13.55 -6.50
CA TRP A 337 -12.15 12.29 -6.17
C TRP A 337 -13.01 12.38 -4.94
N ASP A 338 -12.46 12.94 -3.86
CA ASP A 338 -13.24 13.18 -2.62
C ASP A 338 -14.56 13.92 -2.94
N ARG A 339 -14.51 14.97 -3.76
CA ARG A 339 -15.72 15.73 -4.13
CA ARG A 339 -15.71 15.72 -4.07
C ARG A 339 -16.69 14.89 -4.93
N SER A 340 -16.13 14.03 -5.82
CA SER A 340 -16.97 13.18 -6.66
C SER A 340 -17.73 12.21 -5.81
N LEU A 341 -17.18 11.80 -4.67
CA LEU A 341 -17.81 10.78 -3.84
C LEU A 341 -18.86 11.39 -2.93
N HIS A 342 -18.67 12.66 -2.62
CA HIS A 342 -19.64 13.44 -1.90
C HIS A 342 -20.81 13.73 -2.84
N LYS A 353 -16.95 18.79 -12.96
CA LYS A 353 -16.60 19.89 -13.94
C LYS A 353 -15.24 20.55 -13.64
N GLY A 354 -14.26 20.37 -14.51
CA GLY A 354 -12.90 20.94 -14.32
C GLY A 354 -12.12 20.27 -13.17
N CYS A 355 -12.46 19.03 -12.86
CA CYS A 355 -11.82 18.39 -11.70
C CYS A 355 -11.63 16.90 -12.02
N PRO A 356 -10.53 16.56 -12.70
CA PRO A 356 -10.30 15.21 -13.16
C PRO A 356 -9.86 14.27 -12.05
N VAL A 357 -10.26 12.99 -12.23
CA VAL A 357 -9.88 11.92 -11.30
C VAL A 357 -9.15 10.75 -11.96
N HIS A 358 -9.32 10.62 -13.29
CA HIS A 358 -8.69 9.56 -14.05
C HIS A 358 -7.58 10.12 -14.94
N LEU A 359 -6.31 9.87 -14.51
CA LEU A 359 -5.17 10.55 -15.01
C LEU A 359 -4.02 9.52 -15.26
N VAL A 360 -4.02 9.00 -16.48
CA VAL A 360 -3.14 7.86 -16.87
C VAL A 360 -2.33 8.32 -18.07
N ASP A 361 -1.00 8.28 -17.94
CA ASP A 361 -0.17 8.63 -19.09
C ASP A 361 -0.21 7.50 -20.15
N SER A 362 0.08 7.90 -21.38
CA SER A 362 0.02 6.98 -22.49
C SER A 362 1.24 7.00 -23.39
N CYS A 363 2.26 7.73 -22.96
CA CYS A 363 3.49 7.70 -23.66
C CYS A 363 4.32 6.45 -23.29
N PRO A 364 5.32 6.11 -24.11
CA PRO A 364 5.80 4.73 -24.05
C PRO A 364 6.95 4.34 -23.14
N TRP A 365 7.66 5.33 -22.61
CA TRP A 365 8.92 5.08 -21.93
C TRP A 365 9.06 5.94 -20.69
N PRO A 366 9.69 5.42 -19.63
CA PRO A 366 9.87 6.30 -18.47
C PRO A 366 10.52 7.64 -18.77
N HIS A 367 9.99 8.66 -18.09
CA HIS A 367 10.42 10.06 -18.26
C HIS A 367 9.91 10.66 -19.56
N CYS A 368 8.94 9.99 -20.22
CA CYS A 368 8.27 10.66 -21.35
C CYS A 368 7.36 11.76 -20.77
N ASN A 369 7.04 11.67 -19.48
CA ASN A 369 6.36 12.76 -18.76
C ASN A 369 7.48 13.68 -18.20
N PRO A 370 7.47 14.96 -18.59
CA PRO A 370 8.54 15.89 -18.17
C PRO A 370 8.57 16.20 -16.65
N SER A 371 7.50 15.87 -15.91
CA SER A 371 7.45 16.18 -14.48
C SER A 371 7.92 15.07 -13.55
N CYS A 372 8.43 13.96 -14.09
CA CYS A 372 8.87 12.88 -13.28
C CYS A 372 9.93 13.32 -12.26
N PRO A 373 9.94 12.67 -11.09
CA PRO A 373 11.00 12.98 -10.12
C PRO A 373 12.37 12.63 -10.63
N THR A 374 13.41 13.39 -10.27
CA THR A 374 14.73 13.08 -10.87
C THR A 374 15.71 12.54 -9.85
N SER B 5 11.58 -0.53 -0.34
CA SER B 5 10.28 0.25 -0.27
C SER B 5 10.18 1.20 0.94
#